data_5VKF
#
_entry.id   5VKF
#
_cell.length_a   110.359
_cell.length_b   110.359
_cell.length_c   70.827
_cell.angle_alpha   90.00
_cell.angle_beta   90.00
_cell.angle_gamma   120.00
#
_symmetry.space_group_name_H-M   'P 31 2 1'
#
loop_
_entity.id
_entity.type
_entity.pdbx_description
1 polymer Tetrabrachion
2 non-polymer 'SULFATE ION'
3 non-polymer NAPHTHALENE
4 water water
#
_entity_poly.entity_id   1
_entity_poly.type   'polypeptide(L)'
_entity_poly.pdbx_seq_one_letter_code
;GSIINETADDIVYRLTVIIDDRYESLKNLITLRADRLEMIINDNVSTILASI
;
_entity_poly.pdbx_strand_id   A,B,C,D
#
# COMPACT_ATOMS: atom_id res chain seq x y z
N GLY A 1 -31.64 14.53 10.28
CA GLY A 1 -32.33 13.26 9.88
C GLY A 1 -32.85 12.48 11.06
N SER A 2 -33.33 11.27 10.81
CA SER A 2 -33.81 10.42 11.88
C SER A 2 -32.64 9.94 12.74
N ILE A 3 -32.98 9.35 13.88
CA ILE A 3 -31.95 8.83 14.79
C ILE A 3 -31.07 7.83 14.05
N ILE A 4 -31.68 6.79 13.48
CA ILE A 4 -30.89 5.73 12.87
C ILE A 4 -30.12 6.26 11.67
N ASN A 5 -30.70 7.21 10.93
CA ASN A 5 -30.01 7.77 9.79
C ASN A 5 -28.80 8.58 10.25
N GLU A 6 -28.95 9.35 11.32
CA GLU A 6 -27.81 10.08 11.87
C GLU A 6 -26.74 9.14 12.40
N THR A 7 -27.16 8.01 12.99
CA THR A 7 -26.20 7.04 13.51
C THR A 7 -25.47 6.34 12.38
N ALA A 8 -26.16 6.06 11.27
CA ALA A 8 -25.49 5.47 10.11
C ALA A 8 -24.44 6.42 9.54
N ASP A 9 -24.79 7.70 9.39
CA ASP A 9 -23.81 8.67 8.92
C ASP A 9 -22.61 8.75 9.85
N ASP A 10 -22.84 8.68 11.16
CA ASP A 10 -21.74 8.79 12.11
C ASP A 10 -20.80 7.61 12.01
N ILE A 11 -21.35 6.39 11.91
CA ILE A 11 -20.51 5.20 11.74
C ILE A 11 -19.64 5.35 10.49
N VAL A 12 -20.26 5.69 9.36
CA VAL A 12 -19.52 5.82 8.11
C VAL A 12 -18.48 6.92 8.23
N TYR A 13 -18.88 8.08 8.74
CA TYR A 13 -17.96 9.21 8.83
C TYR A 13 -16.73 8.85 9.66
N ARG A 14 -16.93 8.30 10.85
CA ARG A 14 -15.80 7.99 11.73
C ARG A 14 -14.86 6.99 11.07
N LEU A 15 -15.40 5.87 10.58
CA LEU A 15 -14.55 4.87 9.95
C LEU A 15 -13.90 5.39 8.67
N THR A 16 -14.53 6.35 8.01
CA THR A 16 -13.91 6.96 6.82
C THR A 16 -12.69 7.78 7.21
N VAL A 17 -12.77 8.52 8.32
CA VAL A 17 -11.60 9.23 8.83
C VAL A 17 -10.46 8.25 9.10
N ILE A 18 -10.78 7.11 9.73
CA ILE A 18 -9.76 6.10 9.98
C ILE A 18 -9.16 5.63 8.65
N ILE A 19 -10.00 5.14 7.75
CA ILE A 19 -9.52 4.61 6.47
C ILE A 19 -8.66 5.64 5.75
N ASP A 20 -9.13 6.88 5.69
CA ASP A 20 -8.39 7.92 5.00
C ASP A 20 -7.01 8.13 5.62
N ASP A 21 -6.98 8.28 6.95
CA ASP A 21 -5.69 8.50 7.63
CA ASP A 21 -5.69 8.49 7.63
C ASP A 21 -4.72 7.37 7.31
N ARG A 22 -5.17 6.12 7.44
CA ARG A 22 -4.29 4.99 7.14
C ARG A 22 -3.88 5.00 5.67
N TYR A 23 -4.82 5.35 4.78
CA TYR A 23 -4.49 5.43 3.36
C TYR A 23 -3.40 6.46 3.10
N GLU A 24 -3.58 7.67 3.61
CA GLU A 24 -2.56 8.71 3.45
C GLU A 24 -1.21 8.24 3.97
N SER A 25 -1.21 7.56 5.12
CA SER A 25 0.04 7.03 5.65
C SER A 25 0.73 6.13 4.64
N LEU A 26 0.02 5.13 4.13
CA LEU A 26 0.61 4.23 3.14
C LEU A 26 0.97 4.99 1.86
N LYS A 27 0.08 5.89 1.42
CA LYS A 27 0.38 6.70 0.24
C LYS A 27 1.68 7.47 0.44
N ASN A 28 1.84 8.11 1.59
CA ASN A 28 3.06 8.87 1.86
C ASN A 28 4.27 7.94 1.97
N LEU A 29 4.12 6.81 2.65
CA LEU A 29 5.24 5.88 2.79
C LEU A 29 5.68 5.35 1.44
N ILE A 30 4.73 4.91 0.61
CA ILE A 30 5.07 4.41 -0.72
C ILE A 30 5.80 5.48 -1.52
N THR A 31 5.26 6.70 -1.53
CA THR A 31 5.90 7.78 -2.26
C THR A 31 7.29 8.06 -1.72
N LEU A 32 7.42 8.12 -0.39
CA LEU A 32 8.70 8.40 0.23
C LEU A 32 9.75 7.39 -0.19
N ARG A 33 9.43 6.09 -0.10
CA ARG A 33 10.42 5.07 -0.39
C ARG A 33 10.75 5.03 -1.88
N ALA A 34 9.74 5.16 -2.74
CA ALA A 34 9.99 5.18 -4.17
C ALA A 34 10.84 6.39 -4.57
N ASP A 35 10.50 7.56 -4.02
CA ASP A 35 11.30 8.75 -4.31
C ASP A 35 12.76 8.54 -3.90
N ARG A 36 12.99 7.91 -2.74
CA ARG A 36 14.36 7.70 -2.28
C ARG A 36 15.09 6.74 -3.20
N LEU A 37 14.45 5.64 -3.59
CA LEU A 37 15.08 4.71 -4.52
C LEU A 37 15.50 5.42 -5.80
N GLU A 38 14.63 6.27 -6.35
CA GLU A 38 14.99 7.05 -7.53
C GLU A 38 16.18 7.95 -7.23
N MET A 39 16.18 8.60 -6.06
CA MET A 39 17.33 9.41 -5.67
C MET A 39 18.61 8.58 -5.62
N ILE A 40 18.54 7.41 -5.00
CA ILE A 40 19.70 6.53 -4.91
C ILE A 40 20.14 6.09 -6.29
N ILE A 41 19.20 5.66 -7.13
CA ILE A 41 19.54 5.17 -8.47
C ILE A 41 20.19 6.28 -9.28
N ASN A 42 19.56 7.47 -9.32
CA ASN A 42 20.11 8.55 -10.12
CA ASN A 42 20.11 8.56 -10.11
C ASN A 42 21.51 8.92 -9.66
N ASP A 43 21.76 8.88 -8.36
CA ASP A 43 23.09 9.21 -7.86
C ASP A 43 24.11 8.14 -8.25
N ASN A 44 23.74 6.86 -8.08
CA ASN A 44 24.67 5.78 -8.40
C ASN A 44 25.04 5.78 -9.87
N VAL A 45 24.06 5.99 -10.75
CA VAL A 45 24.34 6.01 -12.18
C VAL A 45 25.29 7.16 -12.51
N SER A 46 25.14 8.29 -11.83
CA SER A 46 26.05 9.41 -12.04
CA SER A 46 26.05 9.41 -12.04
C SER A 46 27.48 9.03 -11.65
N THR A 47 27.63 8.25 -10.57
CA THR A 47 28.96 7.83 -10.14
C THR A 47 29.55 6.80 -11.10
N ILE A 48 28.73 5.87 -11.58
CA ILE A 48 29.24 4.86 -12.51
C ILE A 48 29.70 5.51 -13.81
N LEU A 49 28.90 6.44 -14.33
CA LEU A 49 29.30 7.14 -15.55
C LEU A 49 30.55 7.97 -15.32
N ALA A 50 30.74 8.51 -14.12
CA ALA A 50 31.96 9.25 -13.82
C ALA A 50 33.17 8.33 -13.70
N SER A 51 32.96 7.10 -13.26
CA SER A 51 34.02 6.10 -13.22
C SER A 51 34.23 5.40 -14.56
N ILE A 52 33.51 5.81 -15.60
CA ILE A 52 33.64 5.23 -16.93
C ILE A 52 33.43 3.73 -16.86
N GLY B 1 -23.85 6.14 26.76
CA GLY B 1 -25.12 6.94 26.82
C GLY B 1 -26.36 6.09 26.66
N SER B 2 -26.62 5.63 25.43
CA SER B 2 -27.80 4.83 25.15
C SER B 2 -27.42 3.55 24.42
N ILE B 3 -28.43 2.84 23.88
CA ILE B 3 -28.17 1.59 23.18
C ILE B 3 -27.63 1.85 21.77
N ILE B 4 -28.03 2.96 21.16
CA ILE B 4 -27.64 3.24 19.78
C ILE B 4 -26.18 3.69 19.71
N ASN B 5 -25.85 4.78 20.42
CA ASN B 5 -24.50 5.34 20.32
C ASN B 5 -23.45 4.36 20.80
N GLU B 6 -23.81 3.43 21.69
CA GLU B 6 -22.87 2.42 22.14
C GLU B 6 -22.66 1.34 21.06
N THR B 7 -23.74 0.84 20.49
CA THR B 7 -23.62 -0.14 19.40
C THR B 7 -22.85 0.44 18.22
N ALA B 8 -22.98 1.75 17.99
CA ALA B 8 -22.18 2.39 16.95
C ALA B 8 -20.71 2.45 17.35
N ASP B 9 -20.43 2.83 18.60
CA ASP B 9 -19.05 2.87 19.08
C ASP B 9 -18.40 1.50 18.98
N ASP B 10 -19.16 0.43 19.24
CA ASP B 10 -18.62 -0.92 19.15
C ASP B 10 -18.27 -1.28 17.72
N ILE B 11 -19.14 -0.91 16.76
CA ILE B 11 -18.85 -1.16 15.35
C ILE B 11 -17.60 -0.40 14.93
N VAL B 12 -17.55 0.89 15.24
CA VAL B 12 -16.40 1.70 14.85
C VAL B 12 -15.11 1.14 15.48
N TYR B 13 -15.19 0.74 16.74
CA TYR B 13 -13.99 0.24 17.42
C TYR B 13 -13.49 -1.06 16.79
N ARG B 14 -14.37 -2.05 16.63
CA ARG B 14 -13.94 -3.35 16.13
C ARG B 14 -13.33 -3.23 14.74
N LEU B 15 -13.98 -2.51 13.84
CA LEU B 15 -13.43 -2.34 12.50
C LEU B 15 -12.15 -1.51 12.52
N THR B 16 -12.06 -0.53 13.43
CA THR B 16 -10.81 0.23 13.56
C THR B 16 -9.64 -0.70 13.87
N VAL B 17 -9.85 -1.66 14.76
CA VAL B 17 -8.80 -2.62 15.07
C VAL B 17 -8.42 -3.42 13.82
N ILE B 18 -9.42 -3.86 13.06
CA ILE B 18 -9.15 -4.55 11.80
C ILE B 18 -8.30 -3.67 10.89
N ILE B 19 -8.79 -2.46 10.60
CA ILE B 19 -8.08 -1.55 9.71
C ILE B 19 -6.66 -1.32 10.21
N ASP B 20 -6.51 -1.09 11.52
CA ASP B 20 -5.19 -0.81 12.06
CA ASP B 20 -5.19 -0.81 12.06
C ASP B 20 -4.24 -1.98 11.87
N ASP B 21 -4.73 -3.21 12.11
CA ASP B 21 -3.88 -4.38 11.95
CA ASP B 21 -3.88 -4.38 11.95
C ASP B 21 -3.44 -4.52 10.50
N ARG B 22 -4.38 -4.42 9.56
CA ARG B 22 -4.01 -4.54 8.14
C ARG B 22 -3.10 -3.41 7.72
N TYR B 23 -3.28 -2.22 8.29
CA TYR B 23 -2.39 -1.10 7.98
C TYR B 23 -0.96 -1.43 8.40
N GLU B 24 -0.78 -1.82 9.67
CA GLU B 24 0.55 -2.13 10.16
C GLU B 24 1.22 -3.20 9.31
N SER B 25 0.46 -4.24 8.93
CA SER B 25 1.02 -5.30 8.08
C SER B 25 1.55 -4.73 6.77
N LEU B 26 0.74 -3.92 6.09
CA LEU B 26 1.18 -3.33 4.83
C LEU B 26 2.35 -2.38 5.04
N LYS B 27 2.30 -1.59 6.12
CA LYS B 27 3.39 -0.66 6.42
C LYS B 27 4.70 -1.42 6.58
N ASN B 28 4.69 -2.49 7.37
CA ASN B 28 5.92 -3.24 7.60
C ASN B 28 6.40 -3.93 6.34
N LEU B 29 5.48 -4.40 5.49
CA LEU B 29 5.88 -5.05 4.25
C LEU B 29 6.53 -4.05 3.29
N ILE B 30 5.87 -2.91 3.06
CA ILE B 30 6.46 -1.85 2.25
C ILE B 30 7.86 -1.51 2.76
N THR B 31 7.97 -1.28 4.07
CA THR B 31 9.27 -0.97 4.65
C THR B 31 10.27 -2.10 4.39
N LEU B 32 9.83 -3.34 4.56
CA LEU B 32 10.74 -4.48 4.40
C LEU B 32 11.24 -4.57 2.96
N ARG B 33 10.35 -4.45 1.98
CA ARG B 33 10.75 -4.62 0.59
C ARG B 33 11.60 -3.44 0.11
N ALA B 34 11.29 -2.23 0.58
CA ALA B 34 12.09 -1.07 0.20
C ALA B 34 13.49 -1.16 0.79
N ASP B 35 13.62 -1.64 2.03
CA ASP B 35 14.94 -1.85 2.61
C ASP B 35 15.75 -2.84 1.78
N ARG B 36 15.10 -3.93 1.33
CA ARG B 36 15.79 -4.92 0.50
C ARG B 36 16.30 -4.29 -0.79
N LEU B 37 15.45 -3.52 -1.48
CA LEU B 37 15.87 -2.89 -2.72
C LEU B 37 17.06 -1.98 -2.48
N GLU B 38 17.03 -1.18 -1.41
CA GLU B 38 18.16 -0.32 -1.08
C GLU B 38 19.43 -1.16 -0.85
N MET B 39 19.30 -2.23 -0.06
CA MET B 39 20.45 -3.10 0.18
C MET B 39 20.98 -3.68 -1.11
N ILE B 40 20.10 -4.19 -1.96
CA ILE B 40 20.52 -4.85 -3.19
C ILE B 40 21.18 -3.84 -4.13
N ILE B 41 20.51 -2.71 -4.36
CA ILE B 41 21.06 -1.67 -5.23
C ILE B 41 22.44 -1.24 -4.71
N ASN B 42 22.54 -0.98 -3.40
CA ASN B 42 23.80 -0.54 -2.83
C ASN B 42 24.89 -1.57 -3.04
N ASP B 43 24.59 -2.85 -2.74
CA ASP B 43 25.60 -3.89 -2.90
C ASP B 43 26.04 -4.04 -4.35
N ASN B 44 25.08 -3.99 -5.28
CA ASN B 44 25.41 -4.16 -6.69
C ASN B 44 26.24 -3.00 -7.22
N VAL B 45 25.80 -1.76 -6.96
CA VAL B 45 26.58 -0.60 -7.39
C VAL B 45 27.98 -0.65 -6.80
N SER B 46 28.09 -1.08 -5.54
CA SER B 46 29.41 -1.22 -4.93
C SER B 46 30.23 -2.28 -5.64
N THR B 47 29.58 -3.35 -6.11
CA THR B 47 30.29 -4.37 -6.86
C THR B 47 30.73 -3.83 -8.22
N ILE B 48 29.88 -3.06 -8.88
CA ILE B 48 30.26 -2.46 -10.17
C ILE B 48 31.45 -1.54 -10.00
N LEU B 49 31.36 -0.61 -9.04
CA LEU B 49 32.45 0.34 -8.83
C LEU B 49 33.74 -0.37 -8.44
N ALA B 50 33.65 -1.47 -7.71
CA ALA B 50 34.84 -2.25 -7.38
C ALA B 50 35.38 -3.01 -8.58
N SER B 51 34.65 -3.04 -9.70
CA SER B 51 35.09 -3.74 -10.90
C SER B 51 35.44 -2.74 -12.00
N ILE B 52 36.36 -1.82 -11.69
CA ILE B 52 36.78 -0.76 -12.60
C ILE B 52 35.65 -0.31 -13.52
N GLY C 1 -27.80 -12.26 20.24
CA GLY C 1 -29.22 -12.63 20.46
C GLY C 1 -30.17 -11.46 20.31
N SER C 2 -29.66 -10.26 20.52
CA SER C 2 -30.46 -9.05 20.39
C SER C 2 -30.77 -8.79 18.92
N ILE C 3 -31.49 -7.69 18.67
CA ILE C 3 -31.87 -7.34 17.31
C ILE C 3 -30.72 -6.65 16.59
N ILE C 4 -30.09 -5.68 17.26
CA ILE C 4 -29.02 -4.91 16.65
C ILE C 4 -27.63 -5.48 16.93
N ASN C 5 -27.48 -6.26 17.99
CA ASN C 5 -26.18 -6.87 18.27
C ASN C 5 -25.80 -7.86 17.17
N GLU C 6 -26.77 -8.61 16.65
CA GLU C 6 -26.53 -9.44 15.48
C GLU C 6 -26.27 -8.57 14.26
N THR C 7 -27.00 -7.47 14.12
CA THR C 7 -26.75 -6.53 13.02
C THR C 7 -25.33 -6.00 13.06
N ALA C 8 -24.85 -5.62 14.26
CA ALA C 8 -23.49 -5.12 14.37
C ALA C 8 -22.47 -6.19 13.98
N ASP C 9 -22.66 -7.41 14.50
CA ASP C 9 -21.77 -8.51 14.13
C ASP C 9 -21.76 -8.72 12.62
N ASP C 10 -22.91 -8.53 11.97
CA ASP C 10 -23.00 -8.71 10.53
C ASP C 10 -22.23 -7.61 9.80
N ILE C 11 -22.43 -6.36 10.20
CA ILE C 11 -21.75 -5.24 9.56
C ILE C 11 -20.23 -5.41 9.67
N VAL C 12 -19.75 -5.66 10.88
CA VAL C 12 -18.30 -5.80 11.08
C VAL C 12 -17.76 -6.95 10.25
N TYR C 13 -18.44 -8.10 10.28
CA TYR C 13 -17.98 -9.26 9.53
C TYR C 13 -17.97 -8.98 8.03
N ARG C 14 -19.06 -8.40 7.52
CA ARG C 14 -19.16 -8.15 6.08
C ARG C 14 -18.06 -7.22 5.61
N LEU C 15 -17.79 -6.16 6.37
CA LEU C 15 -16.73 -5.22 5.97
C LEU C 15 -15.34 -5.80 6.24
N THR C 16 -15.20 -6.65 7.26
CA THR C 16 -13.92 -7.31 7.49
C THR C 16 -13.54 -8.19 6.30
N VAL C 17 -14.51 -8.93 5.75
CA VAL C 17 -14.25 -9.75 4.57
C VAL C 17 -13.74 -8.88 3.42
N ILE C 18 -14.35 -7.71 3.22
CA ILE C 18 -13.94 -6.82 2.14
C ILE C 18 -12.56 -6.25 2.42
N ILE C 19 -12.30 -5.83 3.65
CA ILE C 19 -10.99 -5.30 4.00
C ILE C 19 -9.92 -6.37 3.80
N ASP C 20 -10.17 -7.58 4.29
CA ASP C 20 -9.21 -8.66 4.10
C ASP C 20 -8.93 -8.91 2.62
N ASP C 21 -9.96 -8.87 1.78
CA ASP C 21 -9.77 -9.10 0.36
C ASP C 21 -8.84 -8.07 -0.25
N ARG C 22 -9.10 -6.79 0.02
CA ARG C 22 -8.26 -5.73 -0.52
C ARG C 22 -6.86 -5.78 0.08
N TYR C 23 -6.77 -6.03 1.39
CA TYR C 23 -5.45 -6.15 2.03
C TYR C 23 -4.62 -7.24 1.36
N GLU C 24 -5.22 -8.38 1.07
CA GLU C 24 -4.48 -9.48 0.45
C GLU C 24 -4.01 -9.10 -0.95
N SER C 25 -4.84 -8.37 -1.70
CA SER C 25 -4.45 -7.97 -3.06
C SER C 25 -3.23 -7.06 -3.03
N LEU C 26 -3.23 -6.07 -2.14
CA LEU C 26 -2.08 -5.19 -2.00
C LEU C 26 -0.84 -5.97 -1.57
N LYS C 27 -1.01 -6.86 -0.57
CA LYS C 27 0.11 -7.69 -0.13
C LYS C 27 0.70 -8.46 -1.30
N ASN C 28 -0.15 -9.11 -2.10
CA ASN C 28 0.34 -9.84 -3.27
C ASN C 28 0.98 -8.89 -4.28
N LEU C 29 0.34 -7.74 -4.52
CA LEU C 29 0.89 -6.77 -5.46
C LEU C 29 2.27 -6.29 -5.02
N ILE C 30 2.38 -5.86 -3.75
CA ILE C 30 3.67 -5.39 -3.24
C ILE C 30 4.73 -6.47 -3.41
N THR C 31 4.41 -7.70 -2.97
CA THR C 31 5.37 -8.80 -3.08
C THR C 31 5.79 -9.03 -4.53
N LEU C 32 4.81 -9.12 -5.44
CA LEU C 32 5.12 -9.46 -6.82
C LEU C 32 5.99 -8.38 -7.48
N ARG C 33 5.64 -7.11 -7.28
CA ARG C 33 6.38 -6.05 -7.94
C ARG C 33 7.78 -5.89 -7.37
N ALA C 34 7.95 -6.14 -6.06
CA ALA C 34 9.29 -6.07 -5.47
C ALA C 34 10.15 -7.24 -5.92
N ASP C 35 9.59 -8.46 -5.90
CA ASP C 35 10.29 -9.60 -6.47
C ASP C 35 10.71 -9.32 -7.90
N ARG C 36 9.83 -8.68 -8.67
CA ARG C 36 10.13 -8.36 -10.07
C ARG C 36 11.28 -7.36 -10.16
N LEU C 37 11.21 -6.28 -9.37
CA LEU C 37 12.27 -5.29 -9.40
C LEU C 37 13.62 -5.89 -9.03
N GLU C 38 13.65 -6.68 -7.95
CA GLU C 38 14.90 -7.32 -7.56
C GLU C 38 15.49 -8.13 -8.70
N MET C 39 14.65 -8.91 -9.38
N MET C 39 14.66 -8.89 -9.41
CA MET C 39 15.12 -9.67 -10.54
CA MET C 39 15.17 -9.68 -10.53
C MET C 39 15.69 -8.75 -11.60
C MET C 39 15.67 -8.78 -11.65
N ILE C 40 14.96 -7.69 -11.92
CA ILE C 40 15.40 -6.76 -12.97
C ILE C 40 16.73 -6.13 -12.60
N ILE C 41 16.87 -5.70 -11.34
CA ILE C 41 18.10 -5.07 -10.89
C ILE C 41 19.27 -6.02 -11.07
N ASN C 42 19.14 -7.26 -10.58
CA ASN C 42 20.24 -8.21 -10.67
C ASN C 42 20.54 -8.60 -12.10
N ASP C 43 19.49 -8.88 -12.90
CA ASP C 43 19.72 -9.21 -14.30
C ASP C 43 20.49 -8.12 -15.01
N ASN C 44 20.14 -6.85 -14.77
CA ASN C 44 20.83 -5.75 -15.41
C ASN C 44 22.28 -5.65 -14.95
N VAL C 45 22.52 -5.81 -13.65
CA VAL C 45 23.87 -5.69 -13.12
C VAL C 45 24.75 -6.81 -13.68
N SER C 46 24.21 -8.02 -13.82
CA SER C 46 24.95 -9.10 -14.46
C SER C 46 25.44 -8.68 -15.84
N THR C 47 24.60 -7.96 -16.58
CA THR C 47 24.99 -7.48 -17.91
C THR C 47 26.15 -6.51 -17.80
N ILE C 48 26.03 -5.50 -16.93
CA ILE C 48 27.09 -4.51 -16.77
C ILE C 48 28.38 -5.18 -16.33
N LEU C 49 28.30 -6.01 -15.29
CA LEU C 49 29.49 -6.72 -14.82
C LEU C 49 30.13 -7.53 -15.93
N ALA C 50 29.33 -8.02 -16.87
CA ALA C 50 29.84 -8.79 -18.00
C ALA C 50 30.35 -7.91 -19.14
N SER C 51 30.45 -6.59 -18.92
CA SER C 51 30.93 -5.68 -19.95
C SER C 51 32.14 -4.90 -19.44
N ILE C 52 33.11 -5.60 -18.88
CA ILE C 52 34.31 -4.99 -18.30
C ILE C 52 34.00 -3.67 -17.60
N GLY D 1 -40.04 -1.93 11.63
CA GLY D 1 -40.02 -2.42 10.22
C GLY D 1 -38.69 -3.06 9.85
N SER D 2 -38.29 -2.89 8.59
CA SER D 2 -37.04 -3.44 8.08
C SER D 2 -35.94 -2.39 8.00
N ILE D 3 -36.10 -1.27 8.70
CA ILE D 3 -35.17 -0.15 8.55
C ILE D 3 -33.79 -0.52 9.07
N ILE D 4 -33.72 -1.41 10.06
CA ILE D 4 -32.41 -1.81 10.60
C ILE D 4 -31.64 -2.64 9.58
N ASN D 5 -32.31 -3.59 8.93
CA ASN D 5 -31.67 -4.33 7.86
C ASN D 5 -31.16 -3.39 6.77
N GLU D 6 -32.03 -2.49 6.30
CA GLU D 6 -31.67 -1.60 5.21
C GLU D 6 -30.52 -0.68 5.59
N THR D 7 -30.54 -0.15 6.82
CA THR D 7 -29.47 0.74 7.25
C THR D 7 -28.14 0.02 7.34
N ALA D 8 -28.14 -1.21 7.87
CA ALA D 8 -26.92 -2.01 7.89
C ALA D 8 -26.42 -2.26 6.48
N ASP D 9 -27.31 -2.65 5.57
CA ASP D 9 -26.93 -2.76 4.17
C ASP D 9 -26.37 -1.45 3.65
N ASP D 10 -27.02 -0.33 4.00
CA ASP D 10 -26.55 0.97 3.53
C ASP D 10 -25.17 1.30 4.08
N ILE D 11 -24.92 0.94 5.35
CA ILE D 11 -23.62 1.22 5.95
C ILE D 11 -22.53 0.42 5.24
N VAL D 12 -22.73 -0.89 5.12
CA VAL D 12 -21.73 -1.74 4.47
C VAL D 12 -21.47 -1.27 3.05
N TYR D 13 -22.53 -0.88 2.33
CA TYR D 13 -22.37 -0.45 0.95
C TYR D 13 -21.53 0.81 0.86
N ARG D 14 -21.78 1.78 1.73
CA ARG D 14 -21.06 3.05 1.66
C ARG D 14 -19.59 2.87 1.97
N LEU D 15 -19.27 2.16 3.05
CA LEU D 15 -17.87 1.96 3.41
C LEU D 15 -17.14 1.09 2.40
N THR D 16 -17.86 0.22 1.70
CA THR D 16 -17.22 -0.58 0.66
C THR D 16 -16.68 0.32 -0.45
N VAL D 17 -17.43 1.35 -0.81
CA VAL D 17 -16.95 2.33 -1.80
C VAL D 17 -15.67 2.99 -1.30
N ILE D 18 -15.68 3.41 -0.03
CA ILE D 18 -14.49 4.05 0.55
C ILE D 18 -13.31 3.11 0.47
N ILE D 19 -13.46 1.90 1.02
CA ILE D 19 -12.35 0.95 1.05
C ILE D 19 -11.85 0.65 -0.36
N ASP D 20 -12.77 0.44 -1.30
CA ASP D 20 -12.36 0.08 -2.65
C ASP D 20 -11.67 1.24 -3.35
N ASP D 21 -12.16 2.46 -3.14
CA ASP D 21 -11.53 3.63 -3.78
CA ASP D 21 -11.54 3.63 -3.77
C ASP D 21 -10.10 3.80 -3.30
N ARG D 22 -9.87 3.71 -1.98
CA ARG D 22 -8.51 3.83 -1.45
C ARG D 22 -7.64 2.66 -1.92
N TYR D 23 -8.21 1.45 -1.95
CA TYR D 23 -7.48 0.30 -2.47
C TYR D 23 -6.98 0.56 -3.89
N GLU D 24 -7.89 0.95 -4.79
CA GLU D 24 -7.48 1.22 -6.17
C GLU D 24 -6.42 2.29 -6.22
N SER D 25 -6.56 3.34 -5.41
CA SER D 25 -5.55 4.41 -5.39
C SER D 25 -4.19 3.86 -5.01
N LEU D 26 -4.14 3.03 -3.96
CA LEU D 26 -2.87 2.41 -3.58
C LEU D 26 -2.41 1.42 -4.64
N LYS D 27 -3.33 0.64 -5.21
CA LYS D 27 -2.96 -0.30 -6.25
C LYS D 27 -2.30 0.41 -7.42
N ASN D 28 -2.91 1.50 -7.89
CA ASN D 28 -2.36 2.25 -9.01
C ASN D 28 -1.03 2.90 -8.63
N LEU D 29 -0.94 3.45 -7.41
CA LEU D 29 0.28 4.11 -6.98
C LEU D 29 1.45 3.13 -6.92
N ILE D 30 1.25 1.99 -6.26
CA ILE D 30 2.29 0.96 -6.21
C ILE D 30 2.68 0.54 -7.62
N THR D 31 1.68 0.26 -8.46
CA THR D 31 1.97 -0.14 -9.83
C THR D 31 2.74 0.96 -10.56
N LEU D 32 2.33 2.22 -10.36
CA LEU D 32 2.97 3.32 -11.07
C LEU D 32 4.44 3.45 -10.69
N ARG D 33 4.74 3.46 -9.39
CA ARG D 33 6.12 3.63 -8.94
C ARG D 33 6.99 2.46 -9.40
N ALA D 34 6.42 1.26 -9.50
CA ALA D 34 7.19 0.12 -9.96
C ALA D 34 7.52 0.24 -11.44
N ASP D 35 6.57 0.69 -12.25
CA ASP D 35 6.85 0.91 -13.67
C ASP D 35 7.92 1.97 -13.85
N ARG D 36 7.83 3.06 -13.08
CA ARG D 36 8.84 4.11 -13.17
C ARG D 36 10.22 3.55 -12.86
N LEU D 37 10.35 2.83 -11.75
CA LEU D 37 11.66 2.32 -11.35
C LEU D 37 12.23 1.36 -12.40
N GLU D 38 11.39 0.48 -12.94
CA GLU D 38 11.87 -0.42 -13.99
C GLU D 38 12.32 0.36 -15.21
N MET D 39 11.57 1.38 -15.61
CA MET D 39 11.96 2.19 -16.75
CA MET D 39 11.95 2.22 -16.74
C MET D 39 13.28 2.91 -16.48
N ILE D 40 13.41 3.54 -15.31
CA ILE D 40 14.64 4.26 -14.96
C ILE D 40 15.83 3.32 -15.02
N ILE D 41 15.70 2.14 -14.41
CA ILE D 41 16.81 1.19 -14.40
C ILE D 41 17.18 0.81 -15.83
N ASN D 42 16.20 0.38 -16.62
CA ASN D 42 16.49 -0.03 -18.00
C ASN D 42 17.14 1.09 -18.78
N ASP D 43 16.63 2.32 -18.63
CA ASP D 43 17.23 3.45 -19.35
C ASP D 43 18.68 3.67 -18.91
N ASN D 44 18.92 3.69 -17.60
CA ASN D 44 20.26 3.96 -17.10
C ASN D 44 21.25 2.89 -17.53
N VAL D 45 20.86 1.62 -17.41
CA VAL D 45 21.75 0.53 -17.82
C VAL D 45 22.14 0.70 -19.28
N SER D 46 21.18 1.01 -20.15
CA SER D 46 21.50 1.23 -21.56
C SER D 46 22.50 2.37 -21.71
N THR D 47 22.32 3.44 -20.94
CA THR D 47 23.28 4.55 -20.96
C THR D 47 24.66 4.08 -20.52
N ILE D 48 24.72 3.27 -19.46
CA ILE D 48 26.00 2.77 -18.96
C ILE D 48 26.66 1.90 -20.02
N LEU D 49 25.90 0.97 -20.61
CA LEU D 49 26.46 0.08 -21.62
C LEU D 49 26.93 0.88 -22.84
N ALA D 50 26.24 1.96 -23.18
CA ALA D 50 26.68 2.81 -24.27
C ALA D 50 27.96 3.57 -23.95
N SER D 51 28.40 3.55 -22.69
CA SER D 51 29.63 4.21 -22.29
C SER D 51 30.65 3.17 -21.85
N ILE D 52 30.87 2.16 -22.69
CA ILE D 52 31.74 1.02 -22.38
C ILE D 52 31.51 0.55 -20.94
#